data_4P17
#
_entry.id   4P17
#
_cell.length_a   121.760
_cell.length_b   47.010
_cell.length_c   105.670
_cell.angle_alpha   90.00
_cell.angle_beta   96.33
_cell.angle_gamma   90.00
#
_symmetry.space_group_name_H-M   'C 1 2 1'
#
loop_
_entity.id
_entity.type
_entity.pdbx_description
1 polymer 'RabGAP/TBC protein'
2 water water
#
_entity_poly.entity_id   1
_entity_poly.type   'polypeptide(L)'
_entity_poly.pdbx_seq_one_letter_code
;GAASMAQQPVTVHDLYGFPIKVLPSQEDERRSCDVNAEREVPLWQHYIEKDKLPSNETKLKEMIRKGVPPTLRNWVWMET
SGANKKKAGHAANYYSIMVKAGEESQYKKDIETDSTHTFPDHPWLSSPDGRAALCRVLQAYSVHNERVGYVRAMNTIVGL
MLVALNRNEEAAFWLLAALVEDILYPGTYSRNLEGCQIEMRALDELIGTKLPRLQQHFQAIDFDISMLATDWYLCLFSVS
LPSETVMRTWDSLFYEGPKILFRVALAMLKIYEDNMLRVGDAGELLMRMRNAAATMHQRDVLMATAFDHIGSL
;
_entity_poly.pdbx_strand_id   A,B
#
# COMPACT_ATOMS: atom_id res chain seq x y z
N VAL A 12 22.70 9.66 1.89
CA VAL A 12 22.22 8.82 0.79
C VAL A 12 21.68 9.70 -0.33
N HIS A 13 21.84 9.25 -1.57
CA HIS A 13 21.32 10.01 -2.70
C HIS A 13 20.34 9.16 -3.52
N ASP A 14 19.54 9.85 -4.31
CA ASP A 14 18.62 9.17 -5.23
C ASP A 14 19.31 8.93 -6.59
N LEU A 15 18.52 8.45 -7.55
CA LEU A 15 19.09 7.97 -8.82
C LEU A 15 19.78 9.11 -9.51
N TYR A 16 19.20 10.28 -9.38
CA TYR A 16 19.67 11.44 -10.11
C TYR A 16 20.72 12.24 -9.34
N GLY A 17 21.14 11.71 -8.19
CA GLY A 17 22.21 12.31 -7.42
C GLY A 17 21.81 13.31 -6.34
N PHE A 18 20.51 13.47 -6.08
CA PHE A 18 20.06 14.40 -5.02
C PHE A 18 20.17 13.68 -3.71
N PRO A 19 20.68 14.37 -2.68
CA PRO A 19 20.65 13.74 -1.35
C PRO A 19 19.23 13.59 -0.88
N ILE A 20 18.91 12.46 -0.23
CA ILE A 20 17.62 12.27 0.41
C ILE A 20 17.84 11.55 1.75
N GLN A 26 10.46 3.03 3.80
CA GLN A 26 10.80 4.18 2.96
C GLN A 26 11.92 3.79 2.01
N GLU A 27 12.95 3.16 2.58
CA GLU A 27 13.95 2.54 1.75
C GLU A 27 13.27 1.38 1.04
N ASP A 28 12.28 0.79 1.70
CA ASP A 28 11.51 -0.30 1.09
C ASP A 28 10.64 0.24 -0.04
N GLU A 29 10.11 1.45 0.14
CA GLU A 29 9.30 2.10 -0.89
C GLU A 29 10.11 2.16 -2.18
N ARG A 30 11.31 2.71 -2.06
CA ARG A 30 12.15 2.87 -3.23
C ARG A 30 12.58 1.50 -3.83
N ARG A 31 12.82 0.50 -3.00
CA ARG A 31 13.20 -0.81 -3.52
C ARG A 31 12.02 -1.39 -4.33
N SER A 32 10.81 -1.29 -3.78
CA SER A 32 9.62 -1.75 -4.48
C SER A 32 9.50 -1.08 -5.83
N CYS A 33 9.75 0.22 -5.90
CA CYS A 33 9.57 0.92 -7.17
C CYS A 33 10.61 0.51 -8.17
N ASP A 34 11.83 0.25 -7.68
CA ASP A 34 12.90 -0.19 -8.56
C ASP A 34 12.61 -1.60 -9.08
N VAL A 35 12.07 -2.46 -8.23
CA VAL A 35 11.78 -3.83 -8.67
C VAL A 35 10.64 -3.84 -9.67
N ASN A 36 9.62 -3.01 -9.45
CA ASN A 36 8.56 -2.92 -10.42
C ASN A 36 9.05 -2.34 -11.75
N ALA A 37 9.97 -1.39 -11.69
CA ALA A 37 10.55 -0.86 -12.92
C ALA A 37 11.29 -1.95 -13.69
N GLU A 38 11.96 -2.82 -12.96
CA GLU A 38 12.72 -3.91 -13.57
C GLU A 38 11.83 -4.84 -14.38
N ARG A 39 10.61 -5.04 -13.91
CA ARG A 39 9.63 -5.88 -14.61
C ARG A 39 9.30 -5.36 -15.99
N GLU A 40 9.33 -4.03 -16.16
CA GLU A 40 8.93 -3.39 -17.41
C GLU A 40 10.07 -3.35 -18.41
N VAL A 41 11.29 -3.63 -17.96
CA VAL A 41 12.46 -3.41 -18.78
C VAL A 41 12.41 -4.17 -20.11
N PRO A 42 12.01 -5.46 -20.10
CA PRO A 42 12.04 -6.15 -21.41
C PRO A 42 11.05 -5.60 -22.44
N LEU A 43 9.93 -5.07 -21.95
CA LEU A 43 8.91 -4.46 -22.78
C LEU A 43 9.44 -3.18 -23.44
N TRP A 44 10.01 -2.29 -22.63
CA TRP A 44 10.67 -1.08 -23.15
C TRP A 44 11.89 -1.41 -24.01
N GLN A 45 12.68 -2.42 -23.64
CA GLN A 45 13.84 -2.74 -24.49
C GLN A 45 13.40 -3.09 -25.92
N HIS A 46 12.25 -3.76 -26.04
CA HIS A 46 11.76 -4.19 -27.33
C HIS A 46 11.54 -2.97 -28.20
N TYR A 47 10.99 -1.93 -27.60
CA TYR A 47 10.65 -0.75 -28.35
C TYR A 47 11.87 0.10 -28.71
N ILE A 48 12.79 0.34 -27.78
CA ILE A 48 13.94 1.18 -28.15
C ILE A 48 14.78 0.43 -29.18
N GLU A 49 14.76 -0.90 -29.11
CA GLU A 49 15.49 -1.72 -30.08
C GLU A 49 14.97 -1.51 -31.49
N LYS A 50 13.66 -1.34 -31.59
CA LYS A 50 13.01 -1.17 -32.86
C LYS A 50 12.98 0.31 -33.19
N ASP A 51 13.47 1.12 -32.24
CA ASP A 51 13.47 2.59 -32.34
C ASP A 51 12.10 3.14 -32.73
N LYS A 52 11.07 2.60 -32.08
CA LYS A 52 9.72 3.07 -32.27
C LYS A 52 8.89 2.80 -31.03
N LEU A 53 8.16 3.82 -30.59
CA LEU A 53 7.17 3.64 -29.55
C LEU A 53 6.00 2.81 -30.08
N PRO A 54 5.28 2.12 -29.16
CA PRO A 54 4.11 1.32 -29.52
C PRO A 54 3.10 2.09 -30.35
N SER A 55 2.56 1.42 -31.36
CA SER A 55 1.56 1.99 -32.21
C SER A 55 0.24 2.13 -31.44
N ASN A 56 -0.04 1.14 -30.61
CA ASN A 56 -1.25 1.11 -29.80
C ASN A 56 -1.21 2.20 -28.74
N GLU A 57 -2.08 3.19 -28.87
CA GLU A 57 -2.01 4.33 -27.98
C GLU A 57 -2.49 4.01 -26.57
N THR A 58 -3.40 3.07 -26.48
CA THR A 58 -3.87 2.57 -25.20
C THR A 58 -2.71 1.91 -24.49
N LYS A 59 -1.95 1.10 -25.22
CA LYS A 59 -0.84 0.39 -24.58
C LYS A 59 0.23 1.39 -24.19
N LEU A 60 0.44 2.41 -25.02
CA LEU A 60 1.51 3.37 -24.74
C LEU A 60 1.17 4.18 -23.49
N LYS A 61 -0.07 4.62 -23.40
CA LYS A 61 -0.51 5.36 -22.23
C LYS A 61 -0.32 4.53 -20.96
N GLU A 62 -0.71 3.25 -20.99
CA GLU A 62 -0.53 2.33 -19.85
C GLU A 62 0.94 2.18 -19.44
N MET A 63 1.82 1.97 -20.40
CA MET A 63 3.25 1.83 -20.13
C MET A 63 3.82 3.09 -19.46
N ILE A 64 3.43 4.25 -19.99
CA ILE A 64 3.96 5.50 -19.53
C ILE A 64 3.44 5.76 -18.12
N ARG A 65 2.20 5.37 -17.88
CA ARG A 65 1.66 5.50 -16.53
C ARG A 65 2.40 4.64 -15.50
N LYS A 66 2.98 3.50 -15.92
CA LYS A 66 3.76 2.67 -15.01
C LYS A 66 5.22 3.13 -14.83
N GLY A 67 5.64 4.12 -15.61
CA GLY A 67 6.98 4.65 -15.50
C GLY A 67 7.87 4.37 -16.69
N VAL A 68 8.45 5.44 -17.22
CA VAL A 68 9.42 5.27 -18.30
C VAL A 68 10.75 4.88 -17.63
N PRO A 69 11.48 3.91 -18.20
CA PRO A 69 12.82 3.70 -17.66
C PRO A 69 13.63 4.99 -17.68
N PRO A 70 14.34 5.30 -16.58
CA PRO A 70 15.06 6.58 -16.55
C PRO A 70 15.92 6.79 -17.79
N THR A 71 16.62 5.74 -18.22
CA THR A 71 17.59 5.92 -19.29
C THR A 71 16.90 6.24 -20.60
N LEU A 72 15.61 5.91 -20.72
CA LEU A 72 14.83 6.25 -21.90
C LEU A 72 14.06 7.54 -21.81
N ARG A 73 14.22 8.34 -20.76
CA ARG A 73 13.31 9.45 -20.67
C ARG A 73 13.63 10.45 -21.78
N ASN A 74 14.91 10.61 -22.13
CA ASN A 74 15.24 11.53 -23.22
C ASN A 74 14.50 11.05 -24.48
N TRP A 75 14.63 9.76 -24.80
CA TRP A 75 13.99 9.18 -25.99
C TRP A 75 12.48 9.41 -26.01
N VAL A 76 11.83 9.00 -24.93
CA VAL A 76 10.37 9.07 -24.86
C VAL A 76 9.84 10.48 -24.67
N TRP A 77 10.40 11.23 -23.73
CA TRP A 77 9.89 12.57 -23.49
C TRP A 77 9.99 13.46 -24.70
N MET A 78 11.13 13.40 -25.37
CA MET A 78 11.37 14.31 -26.48
C MET A 78 10.41 14.03 -27.63
N GLU A 79 10.02 12.77 -27.78
CA GLU A 79 9.02 12.41 -28.80
C GLU A 79 7.57 12.69 -28.36
N THR A 80 7.14 12.13 -27.23
CA THR A 80 5.74 12.36 -26.83
C THR A 80 5.41 13.83 -26.55
N SER A 81 6.37 14.64 -26.11
CA SER A 81 6.06 16.04 -25.77
C SER A 81 5.88 16.86 -27.03
N GLY A 82 6.35 16.33 -28.13
CA GLY A 82 6.40 17.08 -29.36
C GLY A 82 7.66 17.93 -29.53
N ALA A 83 8.60 17.85 -28.59
CA ALA A 83 9.82 18.64 -28.69
C ALA A 83 10.68 18.27 -29.91
N ASN A 84 10.65 17.00 -30.33
CA ASN A 84 11.42 16.57 -31.52
C ASN A 84 10.91 17.27 -32.76
N LYS A 85 9.60 17.36 -32.86
CA LYS A 85 8.94 18.00 -33.99
C LYS A 85 9.22 19.49 -33.99
N LYS A 86 9.27 20.11 -32.81
CA LYS A 86 9.58 21.54 -32.75
C LYS A 86 11.01 21.78 -33.14
N LYS A 87 11.92 20.96 -32.61
CA LYS A 87 13.32 21.06 -32.95
C LYS A 87 13.52 20.97 -34.47
N ALA A 88 12.87 20.00 -35.07
CA ALA A 88 13.07 19.71 -36.48
C ALA A 88 12.48 20.79 -37.38
N GLY A 89 11.60 21.61 -36.82
CA GLY A 89 10.98 22.71 -37.53
C GLY A 89 11.75 24.00 -37.44
N HIS A 90 12.92 23.94 -36.80
CA HIS A 90 13.84 25.06 -36.77
C HIS A 90 15.17 24.64 -37.39
N ALA A 91 16.02 25.62 -37.68
CA ALA A 91 17.34 25.34 -38.24
C ALA A 91 18.21 24.70 -37.17
N ALA A 92 19.23 23.95 -37.59
CA ALA A 92 20.03 23.16 -36.64
C ALA A 92 20.84 24.02 -35.69
N ASN A 93 21.10 25.27 -36.08
CA ASN A 93 21.91 26.17 -35.26
C ASN A 93 21.04 27.08 -34.41
N TYR A 94 19.74 26.79 -34.37
CA TYR A 94 18.78 27.71 -33.74
C TYR A 94 19.04 27.88 -32.25
N TYR A 95 19.20 26.78 -31.52
CA TYR A 95 19.42 26.89 -30.09
C TYR A 95 20.68 27.75 -29.83
N SER A 96 21.75 27.48 -30.54
CA SER A 96 23.00 28.22 -30.33
C SER A 96 22.82 29.72 -30.61
N ILE A 97 21.97 30.05 -31.58
CA ILE A 97 21.66 31.46 -31.87
C ILE A 97 20.90 32.06 -30.69
N MET A 98 19.93 31.32 -30.16
CA MET A 98 19.22 31.74 -28.95
C MET A 98 20.10 31.85 -27.68
N VAL A 99 21.06 30.96 -27.52
CA VAL A 99 22.00 31.05 -26.40
C VAL A 99 22.79 32.34 -26.50
N LYS A 100 23.35 32.61 -27.68
CA LYS A 100 24.11 33.83 -27.89
C LYS A 100 23.24 35.05 -27.67
N ALA A 101 22.01 35.00 -28.16
CA ALA A 101 21.09 36.11 -27.99
C ALA A 101 20.72 36.29 -26.53
N GLY A 102 20.60 35.18 -25.84
CA GLY A 102 20.19 35.24 -24.45
C GLY A 102 21.24 35.88 -23.55
N GLU A 103 22.46 36.02 -24.07
CA GLU A 103 23.53 36.65 -23.33
C GLU A 103 23.14 38.07 -22.95
N GLU A 104 22.19 38.65 -23.68
CA GLU A 104 21.69 39.98 -23.37
C GLU A 104 20.22 39.93 -23.00
N SER A 105 19.76 38.79 -22.47
CA SER A 105 18.39 38.73 -22.00
C SER A 105 18.18 39.69 -20.84
N GLN A 106 17.00 40.34 -20.82
CA GLN A 106 16.59 41.18 -19.70
C GLN A 106 16.57 40.40 -18.39
N TYR A 107 16.50 39.07 -18.51
CA TYR A 107 16.30 38.16 -17.38
C TYR A 107 17.55 37.49 -16.86
N LYS A 108 18.69 37.79 -17.50
CA LYS A 108 19.95 37.09 -17.22
C LYS A 108 20.31 37.11 -15.74
N LYS A 109 20.23 38.30 -15.18
CA LYS A 109 20.56 38.49 -13.77
CA LYS A 109 20.55 38.51 -13.76
C LYS A 109 19.57 37.77 -12.86
N ASP A 110 18.28 37.88 -13.15
CA ASP A 110 17.25 37.19 -12.36
C ASP A 110 17.49 35.68 -12.43
N ILE A 111 17.72 35.17 -13.63
CA ILE A 111 18.07 33.75 -13.73
C ILE A 111 19.25 33.42 -12.84
N GLU A 112 20.32 34.21 -12.92
CA GLU A 112 21.51 33.91 -12.11
C GLU A 112 21.23 33.93 -10.62
N THR A 113 20.54 34.97 -10.16
CA THR A 113 20.21 35.09 -8.74
C THR A 113 19.29 33.96 -8.28
N ASP A 114 18.29 33.60 -9.08
CA ASP A 114 17.41 32.50 -8.67
C ASP A 114 18.22 31.19 -8.46
N SER A 115 19.44 31.11 -8.98
CA SER A 115 20.33 29.96 -8.73
C SER A 115 21.18 30.03 -7.46
N THR A 116 21.09 31.10 -6.70
CA THR A 116 21.83 31.15 -5.47
C THR A 116 21.01 30.50 -4.34
N HIS A 117 19.85 29.95 -4.65
CA HIS A 117 19.12 29.22 -3.59
C HIS A 117 18.37 27.99 -4.07
N THR A 118 18.43 27.73 -5.37
CA THR A 118 17.95 26.45 -5.91
C THR A 118 19.09 25.43 -5.86
N PHE A 119 18.75 24.15 -5.92
CA PHE A 119 19.73 23.04 -5.88
C PHE A 119 20.98 23.29 -5.09
N PRO A 120 20.81 23.55 -3.79
CA PRO A 120 22.03 23.73 -2.99
C PRO A 120 22.89 22.47 -2.99
N ASP A 121 22.28 21.29 -3.04
CA ASP A 121 23.04 20.08 -2.73
C ASP A 121 23.32 19.15 -3.90
N HIS A 122 22.74 19.38 -5.07
CA HIS A 122 23.02 18.49 -6.19
C HIS A 122 24.45 18.69 -6.63
N PRO A 123 25.24 17.61 -6.71
CA PRO A 123 26.67 17.80 -7.03
C PRO A 123 27.00 18.45 -8.37
N TRP A 124 26.20 18.23 -9.41
CA TRP A 124 26.49 18.85 -10.71
C TRP A 124 25.70 20.16 -10.92
N LEU A 125 24.44 20.21 -10.50
CA LEU A 125 23.68 21.42 -10.71
C LEU A 125 24.24 22.57 -9.86
N SER A 126 24.92 22.26 -8.74
CA SER A 126 25.49 23.29 -7.87
C SER A 126 26.95 23.55 -8.27
N SER A 127 27.44 22.84 -9.28
CA SER A 127 28.77 23.13 -9.83
C SER A 127 28.74 24.33 -10.81
N PRO A 128 29.91 24.97 -11.02
CA PRO A 128 29.91 26.07 -12.00
C PRO A 128 29.36 25.68 -13.38
N ASP A 129 29.74 24.53 -13.92
CA ASP A 129 29.25 24.08 -15.21
C ASP A 129 27.74 23.86 -15.19
N GLY A 130 27.22 23.31 -14.10
CA GLY A 130 25.78 23.09 -13.98
C GLY A 130 24.97 24.39 -13.91
N ARG A 131 25.45 25.34 -13.12
CA ARG A 131 24.85 26.67 -13.08
C ARG A 131 24.90 27.32 -14.48
N ALA A 132 26.02 27.15 -15.18
CA ALA A 132 26.17 27.84 -16.48
C ALA A 132 25.25 27.23 -17.51
N ALA A 133 25.15 25.90 -17.48
CA ALA A 133 24.26 25.18 -18.38
C ALA A 133 22.82 25.57 -18.16
N LEU A 134 22.42 25.63 -16.91
CA LEU A 134 21.04 25.95 -16.57
C LEU A 134 20.74 27.38 -17.00
N CYS A 135 21.71 28.26 -16.80
CA CYS A 135 21.52 29.64 -17.18
CA CYS A 135 21.54 29.63 -17.18
C CYS A 135 21.41 29.77 -18.70
N ARG A 136 22.25 29.05 -19.43
CA ARG A 136 22.21 29.09 -20.88
C ARG A 136 20.84 28.71 -21.41
N VAL A 137 20.27 27.62 -20.89
CA VAL A 137 18.97 27.18 -21.38
C VAL A 137 17.90 28.23 -21.10
N LEU A 138 17.93 28.80 -19.91
CA LEU A 138 16.86 29.70 -19.50
C LEU A 138 17.03 31.01 -20.21
N GLN A 139 18.25 31.48 -20.35
CA GLN A 139 18.45 32.75 -21.03
C GLN A 139 18.03 32.59 -22.53
N ALA A 140 18.37 31.45 -23.11
CA ALA A 140 17.99 31.10 -24.48
C ALA A 140 16.47 31.11 -24.61
N TYR A 141 15.79 30.46 -23.68
CA TYR A 141 14.35 30.36 -23.80
C TYR A 141 13.71 31.75 -23.65
N SER A 142 14.29 32.60 -22.81
CA SER A 142 13.73 33.91 -22.48
C SER A 142 13.71 34.88 -23.66
N VAL A 143 14.65 34.71 -24.59
CA VAL A 143 14.66 35.47 -25.83
C VAL A 143 13.89 34.76 -26.94
N HIS A 144 13.83 33.43 -26.89
CA HIS A 144 13.06 32.67 -27.87
C HIS A 144 11.55 32.97 -27.77
N ASN A 145 11.09 33.07 -26.54
CA ASN A 145 9.69 33.33 -26.20
C ASN A 145 9.68 34.53 -25.29
N GLU A 146 9.72 35.70 -25.92
CA GLU A 146 9.82 36.93 -25.17
C GLU A 146 8.55 37.22 -24.41
N ARG A 147 7.43 36.64 -24.85
CA ARG A 147 6.15 36.97 -24.23
C ARG A 147 6.13 36.37 -22.84
N VAL A 148 6.72 35.18 -22.70
CA VAL A 148 6.79 34.48 -21.44
C VAL A 148 8.03 34.95 -20.66
N GLY A 149 9.13 35.06 -21.38
CA GLY A 149 10.41 35.44 -20.81
C GLY A 149 10.97 34.39 -19.87
N TYR A 150 11.15 34.78 -18.63
CA TYR A 150 11.59 33.87 -17.58
C TYR A 150 10.74 34.14 -16.34
N VAL A 151 10.41 33.07 -15.60
CA VAL A 151 9.87 33.17 -14.24
C VAL A 151 10.53 32.09 -13.37
N ARG A 152 10.58 32.33 -12.07
CA ARG A 152 11.39 31.56 -11.14
C ARG A 152 11.09 30.05 -11.21
N ALA A 153 9.80 29.72 -11.34
CA ALA A 153 9.34 28.35 -11.49
C ALA A 153 10.17 27.57 -12.50
N MET A 154 10.56 28.24 -13.58
CA MET A 154 11.25 27.56 -14.67
C MET A 154 12.67 27.15 -14.26
N ASN A 155 13.22 27.75 -13.21
CA ASN A 155 14.59 27.42 -12.82
C ASN A 155 14.70 25.98 -12.40
N THR A 156 13.89 25.53 -11.45
CA THR A 156 14.02 24.16 -10.96
C THR A 156 13.48 23.16 -12.00
N ILE A 157 12.50 23.55 -12.81
CA ILE A 157 12.07 22.70 -13.93
C ILE A 157 13.24 22.37 -14.88
N VAL A 158 13.96 23.39 -15.31
CA VAL A 158 15.01 23.13 -16.26
C VAL A 158 16.16 22.39 -15.60
N GLY A 159 16.36 22.62 -14.30
CA GLY A 159 17.37 21.92 -13.55
C GLY A 159 17.08 20.44 -13.56
N LEU A 160 15.83 20.06 -13.29
CA LEU A 160 15.51 18.65 -13.30
C LEU A 160 15.49 18.11 -14.71
N MET A 161 15.10 18.94 -15.68
CA MET A 161 15.17 18.49 -17.06
C MET A 161 16.62 18.17 -17.44
N LEU A 162 17.54 19.06 -17.09
CA LEU A 162 18.96 18.81 -17.37
C LEU A 162 19.44 17.47 -16.79
N VAL A 163 19.10 17.20 -15.54
N VAL A 163 19.09 17.21 -15.54
CA VAL A 163 19.57 15.97 -14.93
CA VAL A 163 19.56 16.00 -14.91
C VAL A 163 18.91 14.72 -15.53
C VAL A 163 18.91 14.75 -15.53
N ALA A 164 17.60 14.82 -15.83
CA ALA A 164 16.88 13.68 -16.41
C ALA A 164 17.31 13.41 -17.84
N LEU A 165 17.78 14.45 -18.51
CA LEU A 165 18.16 14.39 -19.93
C LEU A 165 19.69 14.26 -20.12
N ASN A 166 20.38 13.78 -19.09
CA ASN A 166 21.83 13.55 -19.14
C ASN A 166 22.65 14.78 -19.55
N ARG A 167 22.24 15.92 -19.02
CA ARG A 167 22.93 17.18 -19.16
C ARG A 167 22.86 17.74 -20.58
N ASN A 168 21.88 17.28 -21.34
CA ASN A 168 21.69 17.74 -22.73
C ASN A 168 20.90 19.03 -22.79
N GLU A 169 21.62 20.15 -22.95
CA GLU A 169 21.00 21.47 -22.83
C GLU A 169 20.03 21.76 -23.96
N GLU A 170 20.37 21.39 -25.19
CA GLU A 170 19.47 21.68 -26.28
C GLU A 170 18.19 20.86 -26.13
N ALA A 171 18.32 19.63 -25.65
CA ALA A 171 17.13 18.81 -25.40
C ALA A 171 16.23 19.50 -24.35
N ALA A 172 16.85 19.96 -23.31
CA ALA A 172 16.12 20.63 -22.24
C ALA A 172 15.42 21.88 -22.76
N PHE A 173 16.12 22.63 -23.62
CA PHE A 173 15.51 23.78 -24.26
C PHE A 173 14.26 23.42 -25.09
N TRP A 174 14.32 22.37 -25.88
CA TRP A 174 13.19 22.04 -26.72
C TRP A 174 12.03 21.40 -25.90
N LEU A 175 12.38 20.71 -24.82
CA LEU A 175 11.35 20.14 -23.94
C LEU A 175 10.63 21.26 -23.17
N LEU A 176 11.39 22.26 -22.71
CA LEU A 176 10.81 23.43 -22.07
C LEU A 176 9.87 24.15 -23.06
N ALA A 177 10.30 24.32 -24.32
CA ALA A 177 9.44 24.94 -25.31
C ALA A 177 8.14 24.16 -25.49
N ALA A 178 8.26 22.84 -25.67
CA ALA A 178 7.07 22.01 -25.80
C ALA A 178 6.14 22.17 -24.60
N LEU A 179 6.70 22.24 -23.41
CA LEU A 179 5.92 22.34 -22.18
C LEU A 179 5.14 23.64 -22.06
N VAL A 180 5.86 24.74 -22.22
CA VAL A 180 5.30 26.08 -22.13
C VAL A 180 4.36 26.36 -23.29
N GLU A 181 4.77 25.97 -24.50
CA GLU A 181 4.03 26.42 -25.67
C GLU A 181 2.88 25.49 -26.07
N ASP A 182 2.98 24.20 -25.78
CA ASP A 182 2.08 23.20 -26.39
C ASP A 182 1.33 22.34 -25.36
N ILE A 183 1.96 22.13 -24.21
CA ILE A 183 1.39 21.22 -23.21
C ILE A 183 0.62 22.01 -22.14
N LEU A 184 1.25 22.97 -21.49
CA LEU A 184 0.56 23.78 -20.49
C LEU A 184 -0.36 24.78 -21.19
N TYR A 185 -1.38 25.27 -20.50
CA TYR A 185 -2.25 26.26 -21.10
C TYR A 185 -1.47 27.55 -21.30
N PRO A 186 -1.78 28.29 -22.37
CA PRO A 186 -1.25 29.66 -22.49
C PRO A 186 -1.50 30.50 -21.23
N GLY A 187 -0.51 31.30 -20.84
CA GLY A 187 -0.65 32.20 -19.71
C GLY A 187 -0.26 31.58 -18.38
N THR A 188 0.14 30.31 -18.37
CA THR A 188 0.46 29.62 -17.13
C THR A 188 1.52 30.39 -16.39
N TYR A 189 2.49 30.92 -17.14
CA TYR A 189 3.62 31.63 -16.54
C TYR A 189 3.52 33.17 -16.66
N SER A 190 2.33 33.69 -16.92
CA SER A 190 2.14 35.14 -16.94
C SER A 190 1.90 35.68 -15.53
N ARG A 191 1.84 37.00 -15.41
CA ARG A 191 1.64 37.65 -14.11
C ARG A 191 0.43 37.07 -13.37
N MET A 200 -6.65 24.85 -10.22
CA MET A 200 -6.95 24.97 -8.80
C MET A 200 -8.46 24.82 -8.57
N ARG A 201 -9.25 25.34 -9.51
CA ARG A 201 -10.69 25.08 -9.51
C ARG A 201 -10.96 23.59 -9.47
N ALA A 202 -10.18 22.86 -10.26
CA ALA A 202 -10.42 21.45 -10.42
C ALA A 202 -10.08 20.73 -9.11
N LEU A 203 -8.93 21.08 -8.55
CA LEU A 203 -8.49 20.45 -7.33
C LEU A 203 -9.47 20.69 -6.16
N ASP A 204 -9.97 21.90 -6.00
CA ASP A 204 -10.90 22.18 -4.91
C ASP A 204 -12.19 21.38 -5.12
N GLU A 205 -12.63 21.23 -6.36
CA GLU A 205 -13.81 20.44 -6.65
C GLU A 205 -13.52 19.01 -6.29
N LEU A 206 -12.38 18.50 -6.77
CA LEU A 206 -12.05 17.12 -6.49
C LEU A 206 -11.95 16.84 -5.01
N ILE A 207 -11.43 17.79 -4.24
CA ILE A 207 -11.33 17.61 -2.79
C ILE A 207 -12.74 17.45 -2.24
N GLY A 208 -13.65 18.32 -2.67
CA GLY A 208 -15.00 18.29 -2.14
C GLY A 208 -15.75 17.01 -2.52
N THR A 209 -15.49 16.51 -3.70
CA THR A 209 -16.15 15.31 -4.20
C THR A 209 -15.53 14.01 -3.66
N LYS A 210 -14.21 13.93 -3.71
CA LYS A 210 -13.47 12.72 -3.38
C LYS A 210 -13.00 12.64 -1.94
N LEU A 211 -12.85 13.80 -1.30
CA LEU A 211 -12.24 13.88 0.01
C LEU A 211 -13.07 14.82 0.88
N PRO A 212 -14.37 14.50 1.04
CA PRO A 212 -15.26 15.43 1.76
C PRO A 212 -14.82 15.72 3.20
N ARG A 213 -14.19 14.76 3.89
CA ARG A 213 -13.66 15.03 5.22
C ARG A 213 -12.58 16.08 5.16
N LEU A 214 -11.78 16.03 4.11
CA LEU A 214 -10.72 16.98 3.99
C LEU A 214 -11.28 18.38 3.69
N GLN A 215 -12.35 18.46 2.90
CA GLN A 215 -12.88 19.78 2.54
C GLN A 215 -13.46 20.49 3.78
N GLN A 216 -14.19 19.73 4.58
CA GLN A 216 -14.76 20.25 5.82
C GLN A 216 -13.64 20.77 6.72
N HIS A 217 -12.56 20.02 6.71
CA HIS A 217 -11.40 20.30 7.53
C HIS A 217 -10.70 21.54 7.01
N PHE A 218 -10.50 21.66 5.69
CA PHE A 218 -9.89 22.85 5.17
C PHE A 218 -10.74 24.08 5.44
N GLN A 219 -12.06 23.96 5.30
CA GLN A 219 -12.95 25.07 5.66
C GLN A 219 -12.83 25.47 7.13
N ALA A 220 -12.91 24.48 8.02
CA ALA A 220 -12.82 24.77 9.45
C ALA A 220 -11.54 25.51 9.85
N ILE A 221 -10.41 25.19 9.20
CA ILE A 221 -9.14 25.81 9.61
C ILE A 221 -8.77 26.95 8.67
N ASP A 222 -9.64 27.21 7.70
CA ASP A 222 -9.45 28.27 6.72
C ASP A 222 -8.18 28.02 5.90
N PHE A 223 -7.95 26.76 5.54
CA PHE A 223 -6.78 26.42 4.73
C PHE A 223 -7.09 26.59 3.26
N ASP A 224 -6.24 27.36 2.57
CA ASP A 224 -6.36 27.64 1.14
C ASP A 224 -5.44 26.68 0.39
N ILE A 225 -5.98 25.76 -0.39
CA ILE A 225 -5.14 24.71 -1.01
C ILE A 225 -4.11 25.34 -1.96
N SER A 226 -4.37 26.55 -2.41
CA SER A 226 -3.47 27.18 -3.38
C SER A 226 -2.13 27.52 -2.74
N MET A 227 -2.12 27.58 -1.40
CA MET A 227 -0.86 27.83 -0.67
C MET A 227 0.11 26.67 -0.81
N LEU A 228 -0.44 25.48 -0.95
CA LEU A 228 0.37 24.27 -1.13
C LEU A 228 0.57 23.94 -2.60
N ALA A 229 -0.51 23.99 -3.38
CA ALA A 229 -0.51 23.43 -4.73
C ALA A 229 -0.05 24.42 -5.80
N THR A 230 0.05 25.69 -5.44
CA THR A 230 0.56 26.69 -6.38
C THR A 230 1.94 26.29 -6.79
N ASP A 231 2.84 26.06 -5.84
CA ASP A 231 4.17 25.61 -6.21
C ASP A 231 4.11 24.25 -6.88
N TRP A 232 3.13 23.42 -6.52
CA TRP A 232 3.08 22.11 -7.12
C TRP A 232 2.90 22.28 -8.60
N TYR A 233 1.98 23.17 -8.94
CA TYR A 233 1.58 23.35 -10.31
C TYR A 233 2.63 24.12 -11.11
N LEU A 234 3.01 25.27 -10.59
CA LEU A 234 3.94 26.12 -11.36
C LEU A 234 5.29 25.44 -11.58
N CYS A 235 5.76 24.72 -10.56
CA CYS A 235 7.08 24.09 -10.64
C CYS A 235 6.99 22.65 -11.07
N LEU A 236 5.79 22.20 -11.43
CA LEU A 236 5.56 20.84 -11.85
C LEU A 236 6.13 19.84 -10.86
N PHE A 237 5.85 20.08 -9.59
CA PHE A 237 6.32 19.29 -8.42
C PHE A 237 7.82 19.30 -8.18
N SER A 238 8.60 20.08 -8.93
CA SER A 238 10.03 19.90 -8.91
C SER A 238 10.65 20.38 -7.58
N VAL A 239 9.98 21.29 -6.87
CA VAL A 239 10.49 21.76 -5.57
C VAL A 239 9.76 21.12 -4.39
N SER A 240 8.98 20.06 -4.66
CA SER A 240 8.07 19.52 -3.68
C SER A 240 8.27 18.05 -3.41
N LEU A 241 8.61 17.29 -4.45
CA LEU A 241 8.70 15.84 -4.36
C LEU A 241 10.10 15.34 -4.63
N PRO A 242 10.44 14.14 -4.14
CA PRO A 242 11.71 13.52 -4.51
C PRO A 242 11.84 13.42 -6.01
N SER A 243 13.04 13.58 -6.52
CA SER A 243 13.21 13.71 -7.97
C SER A 243 12.68 12.52 -8.79
N GLU A 244 12.81 11.30 -8.30
CA GLU A 244 12.37 10.16 -9.10
C GLU A 244 10.84 10.11 -9.11
N THR A 245 10.23 10.66 -8.07
CA THR A 245 8.77 10.70 -8.01
C THR A 245 8.29 11.76 -8.98
N VAL A 246 8.98 12.91 -8.99
CA VAL A 246 8.65 13.98 -9.92
C VAL A 246 8.67 13.45 -11.36
N MET A 247 9.69 12.68 -11.72
CA MET A 247 9.84 12.27 -13.12
C MET A 247 8.72 11.36 -13.55
N ARG A 248 8.13 10.62 -12.62
CA ARG A 248 6.98 9.82 -13.00
C ARG A 248 5.77 10.69 -13.31
N THR A 249 5.61 11.77 -12.59
CA THR A 249 4.54 12.73 -12.94
C THR A 249 4.83 13.31 -14.35
N TRP A 250 6.10 13.55 -14.61
CA TRP A 250 6.49 14.14 -15.88
C TRP A 250 6.31 13.17 -17.04
N ASP A 251 6.61 11.89 -16.79
CA ASP A 251 6.32 10.83 -17.78
C ASP A 251 4.92 11.01 -18.34
N SER A 252 3.92 11.04 -17.46
CA SER A 252 2.55 11.17 -17.93
C SER A 252 2.17 12.59 -18.37
N LEU A 253 2.77 13.61 -17.77
CA LEU A 253 2.51 14.99 -18.19
C LEU A 253 2.88 15.20 -19.66
N PHE A 254 4.03 14.66 -20.04
CA PHE A 254 4.56 14.85 -21.39
C PHE A 254 3.84 13.98 -22.41
N TYR A 255 2.93 13.12 -21.96
CA TYR A 255 2.13 12.30 -22.88
C TYR A 255 0.63 12.61 -22.84
N GLU A 256 0.08 12.77 -21.64
CA GLU A 256 -1.35 12.96 -21.48
C GLU A 256 -1.75 14.43 -21.36
N GLY A 257 -0.82 15.28 -20.94
CA GLY A 257 -1.12 16.71 -20.81
C GLY A 257 -1.40 17.19 -19.39
N PRO A 258 -1.83 18.44 -19.23
CA PRO A 258 -1.80 19.08 -17.91
C PRO A 258 -2.87 18.60 -16.91
N LYS A 259 -3.85 17.80 -17.31
CA LYS A 259 -4.73 17.26 -16.28
C LYS A 259 -3.96 16.41 -15.27
N ILE A 260 -2.82 15.87 -15.67
CA ILE A 260 -1.94 15.16 -14.74
C ILE A 260 -1.64 16.01 -13.48
N LEU A 261 -1.57 17.32 -13.64
CA LEU A 261 -1.19 18.12 -12.48
C LEU A 261 -2.25 18.00 -11.39
N PHE A 262 -3.54 18.16 -11.72
CA PHE A 262 -4.50 18.10 -10.64
C PHE A 262 -4.75 16.63 -10.25
N ARG A 263 -4.53 15.68 -11.15
CA ARG A 263 -4.77 14.28 -10.75
C ARG A 263 -3.73 13.86 -9.75
N VAL A 264 -2.50 14.30 -9.93
CA VAL A 264 -1.44 13.93 -8.99
C VAL A 264 -1.62 14.73 -7.67
N ALA A 265 -2.01 15.99 -7.80
CA ALA A 265 -2.25 16.81 -6.62
C ALA A 265 -3.33 16.18 -5.73
N LEU A 266 -4.42 15.73 -6.36
CA LEU A 266 -5.51 15.11 -5.59
C LEU A 266 -4.99 13.84 -4.93
N ALA A 267 -4.18 13.07 -5.67
CA ALA A 267 -3.65 11.82 -5.13
C ALA A 267 -2.80 12.09 -3.89
N MET A 268 -2.00 13.15 -3.91
CA MET A 268 -1.24 13.53 -2.74
C MET A 268 -2.12 13.81 -1.54
N LEU A 269 -3.22 14.49 -1.78
CA LEU A 269 -4.14 14.83 -0.70
C LEU A 269 -4.86 13.57 -0.19
N LYS A 270 -5.18 12.65 -1.10
CA LYS A 270 -5.82 11.40 -0.69
C LYS A 270 -4.90 10.60 0.20
N ILE A 271 -3.65 10.51 -0.23
CA ILE A 271 -2.67 9.63 0.42
C ILE A 271 -2.36 10.15 1.84
N TYR A 272 -2.30 11.47 2.00
CA TYR A 272 -1.93 12.05 3.30
C TYR A 272 -3.14 12.65 4.01
N GLU A 273 -4.33 12.25 3.57
CA GLU A 273 -5.56 12.79 4.17
C GLU A 273 -5.63 12.52 5.68
N ASP A 274 -5.42 11.27 6.08
CA ASP A 274 -5.47 10.89 7.48
C ASP A 274 -4.57 11.82 8.30
N ASN A 275 -3.38 12.06 7.76
CA ASN A 275 -2.39 12.94 8.39
C ASN A 275 -2.88 14.39 8.56
N MET A 276 -3.48 14.93 7.51
CA MET A 276 -3.95 16.31 7.52
C MET A 276 -5.13 16.53 8.46
N LEU A 277 -5.97 15.53 8.63
CA LEU A 277 -7.22 15.74 9.36
C LEU A 277 -6.96 15.96 10.84
N ARG A 278 -5.80 15.52 11.31
CA ARG A 278 -5.44 15.70 12.72
C ARG A 278 -4.76 17.03 13.01
N VAL A 279 -4.56 17.88 11.99
CA VAL A 279 -3.86 19.14 12.19
C VAL A 279 -4.87 20.27 12.20
N GLY A 280 -4.90 21.03 13.28
CA GLY A 280 -5.94 22.00 13.51
C GLY A 280 -5.57 23.42 13.17
N ASP A 281 -4.46 23.61 12.45
CA ASP A 281 -3.96 24.95 12.15
C ASP A 281 -3.50 25.00 10.70
N ALA A 282 -3.93 26.04 9.98
CA ALA A 282 -3.60 26.19 8.55
C ALA A 282 -2.10 26.26 8.27
N GLY A 283 -1.39 27.13 8.97
CA GLY A 283 0.05 27.19 8.78
C GLY A 283 0.72 25.86 9.09
N GLU A 284 0.30 25.21 10.18
CA GLU A 284 0.91 23.94 10.56
C GLU A 284 0.69 22.87 9.49
N LEU A 285 -0.51 22.88 8.91
CA LEU A 285 -0.87 21.87 7.95
C LEU A 285 -0.01 22.02 6.72
N LEU A 286 0.21 23.26 6.32
CA LEU A 286 1.10 23.56 5.19
C LEU A 286 2.50 22.99 5.41
N MET A 287 3.14 23.35 6.53
CA MET A 287 4.47 22.82 6.84
C MET A 287 4.49 21.28 6.89
N ARG A 288 3.53 20.68 7.56
CA ARG A 288 3.48 19.22 7.67
C ARG A 288 3.29 18.53 6.31
N MET A 289 2.41 19.06 5.48
CA MET A 289 2.23 18.50 4.15
C MET A 289 3.47 18.72 3.23
N ARG A 290 4.16 19.84 3.40
CA ARG A 290 5.36 20.06 2.58
C ARG A 290 6.42 19.03 3.00
N ASN A 291 6.47 18.73 4.29
CA ASN A 291 7.40 17.71 4.77
C ASN A 291 7.02 16.34 4.26
N ALA A 292 5.72 16.08 4.22
CA ALA A 292 5.20 14.82 3.74
C ALA A 292 5.51 14.68 2.27
N ALA A 293 5.28 15.74 1.54
CA ALA A 293 5.45 15.67 0.11
C ALA A 293 6.92 15.45 -0.20
N ALA A 294 7.81 16.06 0.57
CA ALA A 294 9.24 15.94 0.31
C ALA A 294 9.77 14.52 0.52
N THR A 295 9.01 13.67 1.20
CA THR A 295 9.48 12.29 1.39
C THR A 295 8.54 11.29 0.71
N MET A 296 7.86 11.76 -0.33
CA MET A 296 6.96 10.92 -1.07
C MET A 296 7.77 10.05 -2.05
N HIS A 297 8.35 8.96 -1.52
CA HIS A 297 9.23 8.11 -2.30
C HIS A 297 8.48 7.01 -3.03
N GLN A 298 7.23 6.76 -2.63
CA GLN A 298 6.44 5.70 -3.23
C GLN A 298 5.82 6.21 -4.53
N ARG A 299 6.65 6.29 -5.57
CA ARG A 299 6.18 6.85 -6.83
C ARG A 299 5.18 5.93 -7.55
N ASP A 300 5.25 4.62 -7.30
CA ASP A 300 4.30 3.71 -7.88
C ASP A 300 2.90 3.97 -7.32
N VAL A 301 2.81 4.09 -6.00
CA VAL A 301 1.53 4.33 -5.37
C VAL A 301 1.00 5.71 -5.72
N LEU A 302 1.88 6.70 -5.82
CA LEU A 302 1.40 8.02 -6.21
C LEU A 302 0.69 7.97 -7.56
N MET A 303 1.30 7.36 -8.55
CA MET A 303 0.70 7.43 -9.88
C MET A 303 -0.53 6.51 -9.96
N ALA A 304 -0.43 5.34 -9.35
CA ALA A 304 -1.57 4.44 -9.36
C ALA A 304 -2.76 5.13 -8.65
N THR A 305 -2.47 5.87 -7.60
CA THR A 305 -3.56 6.55 -6.89
C THR A 305 -4.11 7.68 -7.79
N ALA A 306 -3.24 8.40 -8.47
CA ALA A 306 -3.69 9.48 -9.37
C ALA A 306 -4.67 8.99 -10.44
N PHE A 307 -4.52 7.74 -10.86
CA PHE A 307 -5.36 7.24 -11.95
C PHE A 307 -6.45 6.28 -11.49
N ASP A 308 -6.69 6.15 -10.18
CA ASP A 308 -7.54 5.06 -9.69
C ASP A 308 -9.03 5.17 -9.97
N HIS A 309 -9.52 6.34 -10.35
CA HIS A 309 -10.96 6.42 -10.67
C HIS A 309 -11.90 6.05 -9.50
N ILE A 310 -11.38 6.02 -8.28
CA ILE A 310 -12.24 5.83 -7.13
C ILE A 310 -13.02 7.13 -6.99
N GLY A 311 -14.34 7.04 -6.86
CA GLY A 311 -15.19 8.22 -6.73
C GLY A 311 -15.86 8.63 -8.01
N SER A 312 -15.55 7.93 -9.10
CA SER A 312 -16.17 8.26 -10.40
C SER A 312 -17.53 7.60 -10.53
N VAL B 12 12.68 -10.40 10.15
CA VAL B 12 11.49 -9.67 10.59
C VAL B 12 10.51 -10.61 11.27
N HIS B 13 10.14 -10.30 12.51
CA HIS B 13 9.09 -11.04 13.17
C HIS B 13 7.85 -10.16 13.28
N ASP B 14 6.68 -10.79 13.33
CA ASP B 14 5.46 -10.01 13.50
C ASP B 14 5.23 -9.80 15.00
N LEU B 15 4.11 -9.15 15.30
CA LEU B 15 3.79 -8.77 16.66
C LEU B 15 3.80 -9.96 17.58
N TYR B 16 3.42 -11.10 17.06
CA TYR B 16 3.25 -12.26 17.93
C TYR B 16 4.53 -13.10 18.00
N GLY B 17 5.57 -12.66 17.31
CA GLY B 17 6.86 -13.30 17.39
C GLY B 17 7.18 -14.29 16.28
N PHE B 18 6.26 -14.41 15.31
CA PHE B 18 6.48 -15.31 14.17
C PHE B 18 7.35 -14.63 13.13
N PRO B 19 8.27 -15.38 12.53
CA PRO B 19 8.93 -14.81 11.34
C PRO B 19 7.94 -14.58 10.24
N ILE B 20 8.01 -13.44 9.57
CA ILE B 20 7.15 -13.14 8.43
C ILE B 20 8.03 -12.78 7.26
N LYS B 21 7.48 -12.93 6.07
CA LYS B 21 8.16 -12.46 4.88
C LYS B 21 7.39 -11.25 4.41
N VAL B 22 8.09 -10.12 4.30
CA VAL B 22 7.48 -8.91 3.83
C VAL B 22 8.08 -8.58 2.47
N LEU B 23 7.22 -8.66 1.45
CA LEU B 23 7.61 -8.40 0.07
C LEU B 23 7.77 -6.91 -0.12
N PRO B 24 8.53 -6.51 -1.14
CA PRO B 24 8.65 -5.09 -1.41
C PRO B 24 7.27 -4.45 -1.55
N SER B 25 6.98 -3.37 -0.81
CA SER B 25 5.65 -2.69 -0.80
C SER B 25 4.90 -2.92 0.49
N GLN B 26 5.26 -3.99 1.19
CA GLN B 26 4.41 -4.50 2.26
C GLN B 26 4.81 -3.98 3.62
N GLU B 27 6.02 -3.44 3.69
CA GLU B 27 6.48 -2.75 4.88
C GLU B 27 5.50 -1.62 5.18
N ASP B 28 5.08 -0.88 4.16
CA ASP B 28 4.08 0.19 4.38
C ASP B 28 2.68 -0.36 4.79
N GLU B 29 2.35 -1.60 4.40
CA GLU B 29 1.05 -2.21 4.71
C GLU B 29 0.94 -2.46 6.19
N ARG B 30 1.98 -3.07 6.76
CA ARG B 30 1.98 -3.34 8.18
CA ARG B 30 1.98 -3.33 8.18
C ARG B 30 1.91 -2.02 8.93
N ARG B 31 2.71 -1.07 8.49
CA ARG B 31 2.73 0.25 9.10
C ARG B 31 1.32 0.91 9.10
N SER B 32 0.65 0.86 7.97
CA SER B 32 -0.67 1.46 7.83
CA SER B 32 -0.68 1.45 7.82
C SER B 32 -1.68 0.83 8.78
N CYS B 33 -1.59 -0.47 8.97
CA CYS B 33 -2.55 -1.17 9.82
C CYS B 33 -2.30 -0.82 11.26
N ASP B 34 -1.04 -0.62 11.61
CA ASP B 34 -0.70 -0.24 12.97
C ASP B 34 -1.21 1.17 13.28
N VAL B 35 -1.11 2.10 12.32
CA VAL B 35 -1.52 3.48 12.60
C VAL B 35 -3.03 3.55 12.73
N ASN B 36 -3.73 2.81 11.88
CA ASN B 36 -5.18 2.72 12.01
C ASN B 36 -5.58 2.17 13.35
N ALA B 37 -4.83 1.18 13.84
CA ALA B 37 -5.23 0.57 15.11
C ALA B 37 -4.97 1.58 16.23
N GLU B 38 -3.96 2.41 16.07
CA GLU B 38 -3.66 3.45 17.06
C GLU B 38 -4.83 4.45 17.12
N ARG B 39 -5.45 4.68 15.96
CA ARG B 39 -6.56 5.61 15.87
C ARG B 39 -7.75 5.12 16.70
N GLU B 40 -7.85 3.81 16.90
CA GLU B 40 -9.00 3.25 17.60
C GLU B 40 -8.74 3.03 19.08
N VAL B 41 -7.53 3.31 19.54
CA VAL B 41 -7.17 3.03 20.95
C VAL B 41 -8.01 3.81 21.97
N PRO B 42 -8.24 5.12 21.74
CA PRO B 42 -8.90 5.89 22.79
C PRO B 42 -10.32 5.36 23.05
N LEU B 43 -10.91 4.83 21.98
CA LEU B 43 -12.25 4.26 22.01
C LEU B 43 -12.28 2.98 22.83
N TRP B 44 -11.33 2.09 22.57
CA TRP B 44 -11.24 0.87 23.37
C TRP B 44 -10.79 1.14 24.79
N GLN B 45 -9.92 2.10 24.96
CA GLN B 45 -9.45 2.44 26.30
C GLN B 45 -10.64 2.86 27.16
N HIS B 46 -11.60 3.50 26.52
CA HIS B 46 -12.80 3.96 27.20
C HIS B 46 -13.54 2.77 27.82
N TYR B 47 -13.71 1.71 27.04
CA TYR B 47 -14.46 0.57 27.55
C TYR B 47 -13.68 -0.28 28.53
N ILE B 48 -12.37 -0.43 28.33
CA ILE B 48 -11.66 -1.34 29.21
C ILE B 48 -11.51 -0.61 30.55
N GLU B 49 -11.51 0.71 30.49
CA GLU B 49 -11.47 1.52 31.70
C GLU B 49 -12.75 1.34 32.54
N LYS B 50 -13.87 1.09 31.86
CA LYS B 50 -15.14 0.82 32.54
C LYS B 50 -15.35 -0.66 32.88
N ASP B 51 -14.45 -1.51 32.39
CA ASP B 51 -14.59 -2.97 32.52
C ASP B 51 -15.94 -3.43 31.99
N LYS B 52 -16.36 -2.84 30.88
CA LYS B 52 -17.58 -3.24 30.20
C LYS B 52 -17.48 -2.99 28.71
N LEU B 53 -17.85 -4.00 27.91
CA LEU B 53 -17.97 -3.80 26.48
C LEU B 53 -19.19 -2.92 26.21
N PRO B 54 -19.19 -2.18 25.09
CA PRO B 54 -20.32 -1.33 24.72
C PRO B 54 -21.65 -2.06 24.62
N SER B 55 -22.65 -1.52 25.30
CA SER B 55 -23.98 -2.11 25.30
C SER B 55 -24.55 -2.22 23.88
N ASN B 56 -24.35 -1.19 23.06
CA ASN B 56 -24.90 -1.19 21.71
C ASN B 56 -24.20 -2.20 20.80
N GLU B 57 -24.93 -3.22 20.36
CA GLU B 57 -24.38 -4.28 19.53
C GLU B 57 -23.92 -3.76 18.15
N THR B 58 -24.58 -2.74 17.65
CA THR B 58 -24.16 -2.13 16.40
C THR B 58 -22.75 -1.60 16.55
N LYS B 59 -22.54 -0.80 17.59
CA LYS B 59 -21.24 -0.21 17.86
C LYS B 59 -20.21 -1.28 18.02
N LEU B 60 -20.54 -2.30 18.80
CA LEU B 60 -19.56 -3.32 19.16
C LEU B 60 -19.18 -4.08 17.90
N LYS B 61 -20.18 -4.45 17.13
CA LYS B 61 -19.92 -5.13 15.85
C LYS B 61 -18.95 -4.33 15.00
N GLU B 62 -19.18 -3.02 14.88
CA GLU B 62 -18.30 -2.16 14.08
C GLU B 62 -16.89 -2.09 14.66
N MET B 63 -16.76 -1.95 15.97
CA MET B 63 -15.43 -1.88 16.57
C MET B 63 -14.65 -3.18 16.34
N ILE B 64 -15.31 -4.31 16.54
CA ILE B 64 -14.66 -5.58 16.32
C ILE B 64 -14.24 -5.75 14.86
N ARG B 65 -15.09 -5.34 13.91
CA ARG B 65 -14.73 -5.45 12.51
C ARG B 65 -13.49 -4.63 12.15
N LYS B 66 -13.24 -3.56 12.90
CA LYS B 66 -12.11 -2.69 12.68
C LYS B 66 -10.83 -3.21 13.37
N GLY B 67 -10.98 -4.19 14.23
CA GLY B 67 -9.85 -4.85 14.90
C GLY B 67 -9.84 -4.57 16.40
N VAL B 68 -9.77 -5.65 17.19
CA VAL B 68 -9.58 -5.53 18.63
C VAL B 68 -8.10 -5.22 18.89
N PRO B 69 -7.80 -4.25 19.79
CA PRO B 69 -6.38 -4.08 20.15
C PRO B 69 -5.77 -5.39 20.61
N PRO B 70 -4.56 -5.76 20.12
CA PRO B 70 -4.03 -7.07 20.49
C PRO B 70 -4.11 -7.34 21.99
N THR B 71 -3.82 -6.32 22.80
CA THR B 71 -3.68 -6.54 24.24
C THR B 71 -5.05 -6.83 24.85
N LEU B 72 -6.12 -6.50 24.10
CA LEU B 72 -7.49 -6.66 24.62
C LEU B 72 -8.15 -7.93 24.10
N ARG B 73 -7.44 -8.77 23.36
CA ARG B 73 -8.13 -9.87 22.74
C ARG B 73 -8.60 -10.90 23.77
N ASN B 74 -7.82 -11.12 24.81
CA ASN B 74 -8.23 -12.00 25.88
C ASN B 74 -9.56 -11.47 26.45
N TRP B 75 -9.59 -10.21 26.83
CA TRP B 75 -10.79 -9.61 27.41
C TRP B 75 -11.98 -9.75 26.47
N VAL B 76 -11.81 -9.40 25.20
CA VAL B 76 -12.93 -9.40 24.25
C VAL B 76 -13.33 -10.78 23.75
N TRP B 77 -12.35 -11.59 23.34
CA TRP B 77 -12.64 -12.91 22.82
C TRP B 77 -13.35 -13.79 23.84
N MET B 78 -12.88 -13.73 25.09
CA MET B 78 -13.36 -14.64 26.12
C MET B 78 -14.81 -14.30 26.43
N GLU B 79 -15.18 -13.03 26.32
CA GLU B 79 -16.55 -12.61 26.54
C GLU B 79 -17.45 -12.90 25.33
N THR B 80 -17.10 -12.34 24.17
CA THR B 80 -17.97 -12.45 23.02
C THR B 80 -18.16 -13.87 22.53
N SER B 81 -17.15 -14.72 22.71
CA SER B 81 -17.23 -16.11 22.27
C SER B 81 -18.17 -16.93 23.16
N GLY B 82 -18.40 -16.46 24.38
CA GLY B 82 -19.17 -17.24 25.34
C GLY B 82 -18.29 -18.15 26.18
N ALA B 83 -17.00 -18.10 25.91
CA ALA B 83 -16.02 -18.85 26.66
C ALA B 83 -16.12 -18.60 28.15
N ASN B 84 -16.30 -17.34 28.52
CA ASN B 84 -16.39 -17.01 29.96
C ASN B 84 -17.59 -17.68 30.60
N LYS B 85 -18.68 -17.68 29.86
CA LYS B 85 -19.90 -18.28 30.37
C LYS B 85 -19.68 -19.78 30.55
N LYS B 86 -19.04 -20.43 29.58
CA LYS B 86 -18.75 -21.87 29.68
C LYS B 86 -17.87 -22.18 30.87
N LYS B 87 -16.85 -21.37 31.06
CA LYS B 87 -15.93 -21.60 32.17
C LYS B 87 -16.65 -21.49 33.53
N ALA B 88 -17.58 -20.54 33.60
CA ALA B 88 -18.25 -20.19 34.87
C ALA B 88 -19.22 -21.30 35.24
N GLY B 89 -19.70 -22.00 34.20
CA GLY B 89 -20.64 -23.06 34.38
C GLY B 89 -20.02 -24.40 34.76
N HIS B 90 -18.69 -24.42 34.93
CA HIS B 90 -17.96 -25.63 35.31
C HIS B 90 -17.23 -25.36 36.60
N ALA B 91 -16.83 -26.45 37.28
CA ALA B 91 -16.12 -26.33 38.56
C ALA B 91 -14.83 -25.54 38.35
N ALA B 92 -14.42 -24.81 39.37
CA ALA B 92 -13.21 -23.97 39.25
C ALA B 92 -12.00 -24.78 38.76
N ASN B 93 -11.83 -26.00 39.25
CA ASN B 93 -10.65 -26.78 38.86
C ASN B 93 -10.88 -27.65 37.62
N TYR B 94 -11.90 -27.34 36.83
CA TYR B 94 -12.24 -28.19 35.70
C TYR B 94 -11.09 -28.36 34.70
N TYR B 95 -10.48 -27.27 34.25
CA TYR B 95 -9.43 -27.41 33.23
C TYR B 95 -8.32 -28.33 33.73
N SER B 96 -7.90 -28.14 34.98
CA SER B 96 -6.82 -28.94 35.58
C SER B 96 -7.15 -30.42 35.63
N ILE B 97 -8.40 -30.74 35.93
CA ILE B 97 -8.85 -32.13 35.99
C ILE B 97 -8.82 -32.76 34.59
N MET B 98 -9.23 -31.98 33.61
CA MET B 98 -9.16 -32.43 32.23
C MET B 98 -7.72 -32.60 31.76
N VAL B 99 -6.81 -31.76 32.24
CA VAL B 99 -5.40 -31.88 31.88
C VAL B 99 -4.91 -33.23 32.42
N LYS B 100 -5.21 -33.49 33.68
CA LYS B 100 -4.76 -34.73 34.32
C LYS B 100 -5.34 -35.94 33.58
N ALA B 101 -6.63 -35.86 33.26
CA ALA B 101 -7.32 -36.94 32.58
C ALA B 101 -6.75 -37.12 31.18
N GLY B 102 -6.33 -36.02 30.58
CA GLY B 102 -5.86 -36.06 29.20
C GLY B 102 -4.49 -36.70 29.06
N GLU B 103 -3.80 -36.92 30.19
CA GLU B 103 -2.48 -37.57 30.18
C GLU B 103 -2.60 -39.00 29.66
N GLU B 104 -3.80 -39.55 29.82
CA GLU B 104 -4.12 -40.90 29.40
C GLU B 104 -4.94 -40.89 28.10
N SER B 105 -5.02 -39.73 27.47
CA SER B 105 -5.82 -39.59 26.28
C SER B 105 -5.20 -40.32 25.12
N GLN B 106 -6.04 -40.97 24.32
CA GLN B 106 -5.61 -41.71 23.12
C GLN B 106 -4.96 -40.79 22.09
N TYR B 107 -5.27 -39.50 22.19
CA TYR B 107 -4.80 -38.49 21.23
C TYR B 107 -3.47 -37.82 21.57
N LYS B 108 -2.99 -37.98 22.81
CA LYS B 108 -1.78 -37.28 23.24
C LYS B 108 -0.64 -37.51 22.26
N LYS B 109 -0.45 -38.77 21.90
CA LYS B 109 0.65 -39.13 21.03
C LYS B 109 0.45 -38.46 19.67
N ASP B 110 -0.80 -38.32 19.22
CA ASP B 110 -1.04 -37.68 17.92
C ASP B 110 -0.74 -36.17 17.98
N ILE B 111 -1.17 -35.54 19.08
CA ILE B 111 -0.88 -34.11 19.29
C ILE B 111 0.59 -33.88 19.33
N GLU B 112 1.32 -34.78 19.98
CA GLU B 112 2.75 -34.61 20.13
C GLU B 112 3.42 -34.76 18.76
N THR B 113 2.98 -35.75 18.00
CA THR B 113 3.53 -35.93 16.67
C THR B 113 3.16 -34.76 15.72
N ASP B 114 1.95 -34.24 15.80
CA ASP B 114 1.67 -33.04 15.00
C ASP B 114 2.61 -31.89 15.35
N SER B 115 3.03 -31.79 16.61
CA SER B 115 3.94 -30.73 17.01
C SER B 115 5.38 -30.87 16.54
N THR B 116 5.74 -31.95 15.85
CA THR B 116 7.06 -32.01 15.25
C THR B 116 7.09 -31.35 13.86
N HIS B 117 5.95 -30.84 13.39
CA HIS B 117 5.95 -30.18 12.07
C HIS B 117 4.92 -29.04 12.00
N THR B 118 4.64 -28.47 13.16
CA THR B 118 3.97 -27.18 13.28
C THR B 118 4.92 -26.20 14.00
N PHE B 119 4.67 -24.89 13.87
CA PHE B 119 5.46 -23.85 14.57
C PHE B 119 6.94 -24.16 14.71
N PRO B 120 7.61 -24.32 13.57
CA PRO B 120 9.04 -24.63 13.63
C PRO B 120 9.86 -23.47 14.15
N ASP B 121 9.38 -22.24 13.98
CA ASP B 121 10.24 -21.09 14.16
C ASP B 121 9.82 -20.18 15.32
N HIS B 122 8.55 -20.24 15.75
CA HIS B 122 8.13 -19.35 16.81
C HIS B 122 8.96 -19.62 18.07
N PRO B 123 9.57 -18.56 18.66
CA PRO B 123 10.51 -18.81 19.76
C PRO B 123 9.91 -19.51 20.99
N TRP B 124 8.64 -19.26 21.28
CA TRP B 124 8.04 -19.87 22.47
C TRP B 124 7.30 -21.15 22.10
N LEU B 125 6.51 -21.17 21.01
CA LEU B 125 5.73 -22.38 20.67
C LEU B 125 6.62 -23.56 20.30
N SER B 126 7.83 -23.27 19.80
CA SER B 126 8.81 -24.32 19.50
C SER B 126 9.77 -24.61 20.64
N SER B 127 9.57 -23.92 21.77
CA SER B 127 10.32 -24.24 22.99
C SER B 127 9.62 -25.40 23.72
N PRO B 128 10.37 -26.12 24.56
CA PRO B 128 9.74 -27.21 25.30
C PRO B 128 8.51 -26.79 26.07
N ASP B 129 8.55 -25.62 26.71
CA ASP B 129 7.39 -25.18 27.46
C ASP B 129 6.20 -24.97 26.56
N GLY B 130 6.43 -24.34 25.41
CA GLY B 130 5.36 -24.07 24.47
C GLY B 130 4.72 -25.32 23.91
N ARG B 131 5.52 -26.32 23.58
CA ARG B 131 5.02 -27.62 23.16
CA ARG B 131 4.99 -27.60 23.15
C ARG B 131 4.15 -28.26 24.23
N ALA B 132 4.65 -28.25 25.46
CA ALA B 132 3.95 -28.89 26.56
C ALA B 132 2.65 -28.16 26.84
N ALA B 133 2.67 -26.84 26.76
CA ALA B 133 1.47 -26.06 27.09
C ALA B 133 0.38 -26.34 26.08
N LEU B 134 0.79 -26.40 24.84
CA LEU B 134 -0.15 -26.65 23.75
C LEU B 134 -0.69 -28.06 23.88
N CYS B 135 0.19 -28.99 24.24
CA CYS B 135 -0.28 -30.35 24.41
C CYS B 135 -1.30 -30.44 25.56
N ARG B 136 -1.06 -29.77 26.69
CA ARG B 136 -2.03 -29.79 27.82
C ARG B 136 -3.42 -29.37 27.37
N VAL B 137 -3.48 -28.27 26.64
CA VAL B 137 -4.77 -27.75 26.24
C VAL B 137 -5.47 -28.78 25.37
N LEU B 138 -4.75 -29.32 24.39
CA LEU B 138 -5.40 -30.20 23.43
C LEU B 138 -5.73 -31.53 24.02
N GLN B 139 -4.86 -32.05 24.88
CA GLN B 139 -5.16 -33.31 25.57
C GLN B 139 -6.39 -33.19 26.45
N ALA B 140 -6.48 -32.08 27.18
CA ALA B 140 -7.61 -31.79 28.03
C ALA B 140 -8.88 -31.67 27.21
N TYR B 141 -8.81 -30.95 26.10
CA TYR B 141 -9.99 -30.80 25.25
C TYR B 141 -10.41 -32.16 24.69
N SER B 142 -9.46 -33.02 24.36
CA SER B 142 -9.79 -34.30 23.74
C SER B 142 -10.50 -35.25 24.69
N VAL B 143 -10.46 -34.97 25.98
CA VAL B 143 -11.20 -35.80 26.95
C VAL B 143 -12.53 -35.12 27.28
N HIS B 144 -12.52 -33.79 27.32
CA HIS B 144 -13.70 -33.00 27.60
C HIS B 144 -14.76 -33.20 26.53
N ASN B 145 -14.30 -33.17 25.28
CA ASN B 145 -15.14 -33.43 24.11
C ASN B 145 -14.72 -34.68 23.37
N GLU B 146 -15.14 -35.85 23.86
CA GLU B 146 -14.59 -37.12 23.39
C GLU B 146 -15.06 -37.41 21.98
N ARG B 147 -16.30 -37.05 21.72
CA ARG B 147 -16.88 -37.14 20.40
C ARG B 147 -15.97 -36.54 19.33
N VAL B 148 -15.52 -35.31 19.56
CA VAL B 148 -14.62 -34.64 18.63
C VAL B 148 -13.19 -35.15 18.79
N GLY B 149 -12.73 -35.30 20.03
CA GLY B 149 -11.36 -35.67 20.35
C GLY B 149 -10.35 -34.64 19.90
N TYR B 150 -9.36 -35.07 19.13
CA TYR B 150 -8.35 -34.18 18.58
C TYR B 150 -8.21 -34.41 17.07
N VAL B 151 -8.06 -33.30 16.34
CA VAL B 151 -7.77 -33.31 14.90
C VAL B 151 -6.68 -32.29 14.60
N ARG B 152 -5.88 -32.53 13.57
CA ARG B 152 -4.65 -31.78 13.34
C ARG B 152 -4.88 -30.27 13.28
N ALA B 153 -5.96 -29.87 12.61
CA ALA B 153 -6.36 -28.48 12.53
C ALA B 153 -6.28 -27.79 13.90
N MET B 154 -6.64 -28.50 14.95
CA MET B 154 -6.69 -27.86 16.26
C MET B 154 -5.32 -27.48 16.84
N ASN B 155 -4.25 -28.11 16.34
CA ASN B 155 -2.93 -27.80 16.82
C ASN B 155 -2.56 -26.34 16.53
N THR B 156 -2.69 -25.90 15.28
CA THR B 156 -2.24 -24.55 14.96
C THR B 156 -3.25 -23.53 15.52
N ILE B 157 -4.53 -23.90 15.59
CA ILE B 157 -5.52 -23.02 16.21
C ILE B 157 -5.16 -22.72 17.68
N VAL B 158 -4.81 -23.75 18.43
CA VAL B 158 -4.55 -23.56 19.84
C VAL B 158 -3.22 -22.82 20.03
N GLY B 159 -2.27 -23.06 19.12
CA GLY B 159 -1.00 -22.34 19.15
C GLY B 159 -1.18 -20.84 18.97
N LEU B 160 -2.02 -20.43 18.00
CA LEU B 160 -2.29 -19.00 17.90
C LEU B 160 -3.16 -18.49 19.03
N MET B 161 -4.14 -19.26 19.47
CA MET B 161 -4.86 -18.87 20.68
C MET B 161 -3.87 -18.65 21.86
N LEU B 162 -2.95 -19.57 22.06
CA LEU B 162 -2.02 -19.39 23.21
C LEU B 162 -1.25 -18.09 23.10
N VAL B 163 -0.74 -17.80 21.91
CA VAL B 163 0.06 -16.61 21.75
C VAL B 163 -0.78 -15.35 21.84
N ALA B 164 -2.03 -15.42 21.40
CA ALA B 164 -2.88 -14.23 21.45
C ALA B 164 -3.39 -14.00 22.87
N LEU B 165 -3.44 -15.07 23.64
CA LEU B 165 -4.02 -15.03 24.98
C LEU B 165 -2.97 -15.02 26.06
N ASN B 166 -1.78 -14.49 25.75
CA ASN B 166 -0.78 -14.25 26.79
C ASN B 166 -0.31 -15.56 27.43
N ARG B 167 -0.39 -16.62 26.63
CA ARG B 167 0.05 -17.96 27.01
C ARG B 167 -0.86 -18.59 28.07
N ASN B 168 -2.06 -18.04 28.23
CA ASN B 168 -3.03 -18.52 29.24
C ASN B 168 -3.75 -19.79 28.74
N GLU B 169 -3.35 -20.94 29.30
CA GLU B 169 -3.83 -22.24 28.81
C GLU B 169 -5.30 -22.43 29.06
N GLU B 170 -5.72 -22.04 30.25
CA GLU B 170 -7.12 -22.25 30.59
C GLU B 170 -8.01 -21.42 29.70
N ALA B 171 -7.54 -20.22 29.36
CA ALA B 171 -8.32 -19.38 28.49
C ALA B 171 -8.43 -20.06 27.15
N ALA B 172 -7.30 -20.52 26.63
CA ALA B 172 -7.25 -21.13 25.30
C ALA B 172 -8.16 -22.34 25.22
N PHE B 173 -8.18 -23.12 26.30
CA PHE B 173 -9.05 -24.28 26.41
C PHE B 173 -10.51 -23.87 26.28
N TRP B 174 -10.92 -22.86 27.04
CA TRP B 174 -12.34 -22.48 27.02
C TRP B 174 -12.75 -21.77 25.74
N LEU B 175 -11.79 -21.09 25.13
CA LEU B 175 -12.07 -20.45 23.87
C LEU B 175 -12.22 -21.52 22.79
N LEU B 176 -11.39 -22.56 22.87
CA LEU B 176 -11.47 -23.68 21.95
C LEU B 176 -12.83 -24.34 22.08
N ALA B 177 -13.26 -24.51 23.34
CA ALA B 177 -14.55 -25.12 23.61
C ALA B 177 -15.69 -24.28 23.05
N ALA B 178 -15.63 -22.96 23.23
CA ALA B 178 -16.65 -22.07 22.65
C ALA B 178 -16.69 -22.22 21.12
N LEU B 179 -15.51 -22.21 20.50
CA LEU B 179 -15.36 -22.33 19.04
C LEU B 179 -16.00 -23.62 18.50
N VAL B 180 -15.56 -24.73 19.06
CA VAL B 180 -15.97 -26.03 18.60
C VAL B 180 -17.42 -26.31 18.93
N GLU B 181 -17.85 -25.95 20.13
CA GLU B 181 -19.19 -26.35 20.60
C GLU B 181 -20.33 -25.40 20.24
N ASP B 182 -20.01 -24.13 20.09
CA ASP B 182 -21.04 -23.12 20.05
C ASP B 182 -20.97 -22.26 18.81
N ILE B 183 -19.76 -22.10 18.28
CA ILE B 183 -19.55 -21.17 17.16
C ILE B 183 -19.53 -21.86 15.80
N LEU B 184 -18.61 -22.81 15.57
CA LEU B 184 -18.64 -23.61 14.33
C LEU B 184 -19.80 -24.58 14.37
N TYR B 185 -20.28 -24.93 13.18
CA TYR B 185 -21.40 -25.88 13.10
C TYR B 185 -20.97 -27.20 13.71
N PRO B 186 -21.89 -27.91 14.40
CA PRO B 186 -21.56 -29.27 14.86
C PRO B 186 -21.11 -30.12 13.69
N GLY B 187 -20.16 -31.03 13.92
CA GLY B 187 -19.69 -31.87 12.85
C GLY B 187 -18.59 -31.28 11.98
N THR B 188 -18.18 -30.05 12.25
CA THR B 188 -17.08 -29.45 11.50
C THR B 188 -15.82 -30.27 11.47
N TYR B 189 -15.47 -30.85 12.62
CA TYR B 189 -14.22 -31.59 12.77
C TYR B 189 -14.47 -33.09 12.83
N SER B 190 -15.59 -33.54 12.26
CA SER B 190 -15.97 -34.95 12.34
C SER B 190 -15.41 -35.80 11.18
N GLU B 199 -19.70 -26.35 1.91
CA GLU B 199 -18.84 -25.41 2.67
C GLU B 199 -18.19 -24.42 1.73
N MET B 200 -17.46 -24.99 0.79
CA MET B 200 -17.11 -24.32 -0.44
C MET B 200 -18.38 -23.77 -1.04
N ARG B 201 -19.48 -24.51 -0.84
CA ARG B 201 -20.78 -24.20 -1.45
C ARG B 201 -21.06 -22.72 -1.44
N ALA B 202 -20.95 -22.11 -0.27
CA ALA B 202 -21.07 -20.67 -0.18
C ALA B 202 -19.98 -19.99 -0.99
N LEU B 203 -18.73 -20.39 -0.74
CA LEU B 203 -17.61 -19.79 -1.45
C LEU B 203 -17.70 -19.95 -2.96
N ASP B 204 -17.96 -21.16 -3.42
CA ASP B 204 -18.07 -21.45 -4.84
C ASP B 204 -19.21 -20.69 -5.50
N GLU B 205 -20.28 -20.40 -4.76
CA GLU B 205 -21.40 -19.63 -5.28
C GLU B 205 -21.04 -18.16 -5.33
N LEU B 206 -20.35 -17.68 -4.31
CA LEU B 206 -19.91 -16.29 -4.28
C LEU B 206 -18.85 -16.02 -5.36
N ILE B 207 -18.04 -17.02 -5.68
CA ILE B 207 -17.05 -16.84 -6.75
C ILE B 207 -17.82 -16.67 -8.07
N GLY B 208 -18.87 -17.44 -8.23
CA GLY B 208 -19.68 -17.40 -9.43
C GLY B 208 -20.35 -16.05 -9.61
N THR B 209 -20.89 -15.51 -8.51
CA THR B 209 -21.59 -14.23 -8.55
C THR B 209 -20.71 -13.01 -8.55
N LYS B 210 -19.76 -13.00 -7.62
CA LYS B 210 -18.96 -11.83 -7.36
C LYS B 210 -17.73 -11.80 -8.23
N LEU B 211 -17.24 -12.97 -8.65
CA LEU B 211 -16.00 -13.03 -9.44
C LEU B 211 -16.14 -13.96 -10.65
N PRO B 212 -17.06 -13.64 -11.56
CA PRO B 212 -17.36 -14.52 -12.69
C PRO B 212 -16.14 -14.79 -13.58
N ARG B 213 -15.27 -13.79 -13.79
CA ARG B 213 -14.05 -14.03 -14.57
C ARG B 213 -13.19 -15.07 -13.89
N LEU B 214 -13.21 -15.07 -12.56
CA LEU B 214 -12.39 -16.04 -11.85
C LEU B 214 -13.01 -17.42 -11.93
N GLN B 215 -14.34 -17.49 -11.86
CA GLN B 215 -15.01 -18.78 -11.93
C GLN B 215 -14.73 -19.41 -13.29
N GLN B 216 -14.77 -18.58 -14.32
CA GLN B 216 -14.53 -19.01 -15.70
C GLN B 216 -13.11 -19.54 -15.85
N HIS B 217 -12.17 -18.80 -15.28
CA HIS B 217 -10.79 -19.25 -15.20
C HIS B 217 -10.64 -20.60 -14.53
N PHE B 218 -11.24 -20.76 -13.34
CA PHE B 218 -11.12 -22.00 -12.61
C PHE B 218 -11.69 -23.16 -13.43
N GLN B 219 -12.77 -22.90 -14.17
CA GLN B 219 -13.44 -23.95 -14.95
C GLN B 219 -12.56 -24.35 -16.14
N ALA B 220 -11.87 -23.39 -16.72
CA ALA B 220 -11.04 -23.63 -17.89
C ALA B 220 -9.75 -24.40 -17.59
N ILE B 221 -9.13 -24.11 -16.45
CA ILE B 221 -7.85 -24.73 -16.06
C ILE B 221 -8.07 -25.87 -15.07
N ASP B 222 -9.33 -26.12 -14.74
CA ASP B 222 -9.75 -27.21 -13.84
C ASP B 222 -9.16 -27.00 -12.46
N PHE B 223 -9.27 -25.77 -11.97
CA PHE B 223 -8.89 -25.46 -10.61
C PHE B 223 -10.04 -25.68 -9.61
N ASP B 224 -9.77 -26.52 -8.61
CA ASP B 224 -10.72 -26.78 -7.51
C ASP B 224 -10.40 -25.90 -6.30
N ILE B 225 -11.29 -24.98 -5.96
CA ILE B 225 -11.01 -24.01 -4.90
C ILE B 225 -10.79 -24.71 -3.54
N SER B 226 -11.36 -25.88 -3.35
CA SER B 226 -11.18 -26.55 -2.08
C SER B 226 -9.69 -26.94 -1.86
N MET B 227 -8.90 -27.03 -2.94
CA MET B 227 -7.44 -27.22 -2.79
C MET B 227 -6.78 -26.09 -1.97
N LEU B 228 -7.35 -24.90 -2.08
CA LEU B 228 -6.81 -23.70 -1.44
C LEU B 228 -7.54 -23.43 -0.13
N ALA B 229 -8.87 -23.55 -0.17
CA ALA B 229 -9.68 -23.03 0.93
C ALA B 229 -9.99 -24.10 1.98
N THR B 230 -9.64 -25.34 1.72
CA THR B 230 -9.87 -26.36 2.74
C THR B 230 -9.07 -26.03 3.99
N ASP B 231 -7.77 -25.76 3.85
CA ASP B 231 -6.93 -25.32 4.97
C ASP B 231 -7.45 -24.03 5.60
N TRP B 232 -7.97 -23.16 4.75
CA TRP B 232 -8.44 -21.87 5.23
C TRP B 232 -9.55 -22.08 6.25
N TYR B 233 -10.48 -22.95 5.90
CA TYR B 233 -11.65 -23.14 6.76
C TYR B 233 -11.29 -23.93 8.00
N LEU B 234 -10.76 -25.15 7.83
CA LEU B 234 -10.52 -26.05 8.98
C LEU B 234 -9.55 -25.49 10.02
N CYS B 235 -8.50 -24.83 9.54
CA CYS B 235 -7.53 -24.23 10.44
C CYS B 235 -7.82 -22.75 10.76
N LEU B 236 -8.97 -22.25 10.30
CA LEU B 236 -9.40 -20.89 10.56
C LEU B 236 -8.29 -19.93 10.22
N PHE B 237 -7.62 -20.21 9.08
CA PHE B 237 -6.61 -19.34 8.43
C PHE B 237 -5.25 -19.41 9.10
N SER B 238 -5.16 -20.20 10.18
CA SER B 238 -4.00 -20.16 11.08
C SER B 238 -2.75 -20.72 10.43
N VAL B 239 -2.88 -21.58 9.41
CA VAL B 239 -1.71 -22.10 8.67
C VAL B 239 -1.49 -21.39 7.32
N SER B 240 -2.31 -20.39 7.00
CA SER B 240 -2.27 -19.77 5.66
C SER B 240 -1.91 -18.27 5.64
N LEU B 241 -2.37 -17.53 6.64
CA LEU B 241 -2.17 -16.08 6.71
C LEU B 241 -1.19 -15.69 7.81
N PRO B 242 -0.56 -14.50 7.69
CA PRO B 242 0.21 -13.96 8.80
C PRO B 242 -0.65 -13.85 10.07
N SER B 243 -0.04 -14.07 11.22
CA SER B 243 -0.78 -14.19 12.47
CA SER B 243 -0.79 -14.19 12.47
C SER B 243 -1.60 -12.95 12.85
N GLU B 244 -1.09 -11.75 12.56
CA GLU B 244 -1.85 -10.55 12.91
C GLU B 244 -3.10 -10.41 12.04
N THR B 245 -2.99 -10.88 10.81
CA THR B 245 -4.12 -10.91 9.90
C THR B 245 -5.12 -11.97 10.36
N VAL B 246 -4.62 -13.16 10.71
CA VAL B 246 -5.48 -14.21 11.25
C VAL B 246 -6.28 -13.71 12.44
N MET B 247 -5.65 -13.02 13.41
CA MET B 247 -6.38 -12.58 14.60
C MET B 247 -7.52 -11.62 14.26
N ARG B 248 -7.37 -10.82 13.21
CA ARG B 248 -8.47 -9.97 12.80
C ARG B 248 -9.66 -10.78 12.31
N THR B 249 -9.39 -11.92 11.68
CA THR B 249 -10.49 -12.75 11.20
C THR B 249 -11.18 -13.35 12.45
N TRP B 250 -10.38 -13.76 13.41
CA TRP B 250 -10.92 -14.31 14.65
C TRP B 250 -11.71 -13.29 15.48
N ASP B 251 -11.22 -12.04 15.53
CA ASP B 251 -11.99 -10.96 16.17
C ASP B 251 -13.46 -11.01 15.75
N SER B 252 -13.71 -11.10 14.45
CA SER B 252 -15.11 -11.14 13.98
C SER B 252 -15.75 -12.53 14.08
N LEU B 253 -14.96 -13.56 13.87
CA LEU B 253 -15.44 -14.94 13.99
C LEU B 253 -16.04 -15.19 15.39
N PHE B 254 -15.33 -14.71 16.40
CA PHE B 254 -15.78 -14.89 17.78
C PHE B 254 -16.94 -14.03 18.21
N TYR B 255 -17.38 -13.12 17.36
CA TYR B 255 -18.49 -12.23 17.69
C TYR B 255 -19.64 -12.52 16.75
N GLU B 256 -19.31 -12.63 15.46
CA GLU B 256 -20.35 -12.76 14.41
C GLU B 256 -20.64 -14.17 13.98
N GLY B 257 -19.73 -15.09 14.21
CA GLY B 257 -19.98 -16.44 13.76
C GLY B 257 -19.32 -16.88 12.48
N PRO B 258 -19.66 -18.09 12.07
CA PRO B 258 -18.87 -18.80 11.06
C PRO B 258 -19.02 -18.30 9.64
N LYS B 259 -20.00 -17.44 9.36
CA LYS B 259 -20.06 -16.81 8.04
C LYS B 259 -18.80 -16.00 7.74
N ILE B 260 -18.14 -15.53 8.77
CA ILE B 260 -16.88 -14.80 8.59
C ILE B 260 -15.88 -15.62 7.73
N LEU B 261 -15.93 -16.93 7.89
CA LEU B 261 -15.01 -17.77 7.13
C LEU B 261 -15.21 -17.62 5.64
N PHE B 262 -16.44 -17.74 5.13
CA PHE B 262 -16.59 -17.64 3.66
C PHE B 262 -16.44 -16.17 3.22
N ARG B 263 -16.86 -15.22 4.03
CA ARG B 263 -16.64 -13.81 3.70
C ARG B 263 -15.20 -13.41 3.59
N VAL B 264 -14.35 -13.92 4.48
CA VAL B 264 -12.92 -13.64 4.37
C VAL B 264 -12.29 -14.38 3.19
N ALA B 265 -12.63 -15.66 3.02
CA ALA B 265 -12.13 -16.43 1.88
C ALA B 265 -12.48 -15.71 0.56
N LEU B 266 -13.71 -15.21 0.45
CA LEU B 266 -14.10 -14.55 -0.77
C LEU B 266 -13.28 -13.29 -0.97
N ALA B 267 -13.08 -12.53 0.10
CA ALA B 267 -12.27 -11.32 0.04
C ALA B 267 -10.87 -11.65 -0.50
N MET B 268 -10.29 -12.75 -0.05
CA MET B 268 -8.94 -13.12 -0.47
C MET B 268 -8.92 -13.30 -1.98
N LEU B 269 -9.92 -14.00 -2.48
CA LEU B 269 -10.00 -14.28 -3.90
C LEU B 269 -10.22 -13.03 -4.72
N LYS B 270 -10.93 -12.06 -4.13
CA LYS B 270 -11.19 -10.78 -4.75
C LYS B 270 -9.91 -9.95 -4.80
N ILE B 271 -9.24 -9.84 -3.65
CA ILE B 271 -7.97 -9.09 -3.59
C ILE B 271 -6.93 -9.64 -4.56
N TYR B 272 -6.86 -10.97 -4.70
CA TYR B 272 -5.79 -11.62 -5.46
C TYR B 272 -6.30 -12.17 -6.78
N GLU B 273 -7.42 -11.65 -7.25
CA GLU B 273 -8.05 -12.17 -8.44
C GLU B 273 -7.09 -12.14 -9.63
N ASP B 274 -6.47 -10.99 -9.82
CA ASP B 274 -5.56 -10.78 -10.95
C ASP B 274 -4.38 -11.72 -10.87
N ASN B 275 -3.90 -11.96 -9.66
CA ASN B 275 -2.81 -12.91 -9.46
C ASN B 275 -3.16 -14.31 -9.97
N MET B 276 -4.42 -14.73 -9.78
CA MET B 276 -4.82 -16.07 -10.22
C MET B 276 -5.11 -16.09 -11.72
N LEU B 277 -5.75 -15.05 -12.20
CA LEU B 277 -6.09 -14.93 -13.60
C LEU B 277 -4.81 -14.98 -14.43
N ARG B 278 -3.68 -14.61 -13.84
CA ARG B 278 -2.39 -14.56 -14.55
C ARG B 278 -1.67 -15.90 -14.71
N VAL B 279 -2.17 -16.97 -14.09
CA VAL B 279 -1.53 -18.28 -14.17
C VAL B 279 -2.50 -19.30 -14.79
N GLY B 280 -2.01 -20.06 -15.78
CA GLY B 280 -2.84 -20.96 -16.56
C GLY B 280 -2.69 -22.42 -16.16
N ASP B 281 -2.03 -22.62 -15.03
CA ASP B 281 -1.68 -23.95 -14.57
C ASP B 281 -2.28 -24.03 -13.17
N ALA B 282 -3.10 -25.04 -12.93
CA ALA B 282 -3.84 -25.15 -11.68
C ALA B 282 -2.92 -25.32 -10.48
N GLY B 283 -1.87 -26.12 -10.63
CA GLY B 283 -0.88 -26.29 -9.57
C GLY B 283 -0.14 -25.00 -9.24
N GLU B 284 0.32 -24.29 -10.26
CA GLU B 284 1.01 -23.04 -10.07
C GLU B 284 0.06 -22.02 -9.47
N LEU B 285 -1.23 -22.09 -9.83
CA LEU B 285 -2.19 -21.17 -9.26
C LEU B 285 -2.25 -21.37 -7.75
N LEU B 286 -2.37 -22.62 -7.33
CA LEU B 286 -2.39 -22.97 -5.93
C LEU B 286 -1.13 -22.50 -5.18
N MET B 287 0.04 -22.76 -5.75
CA MET B 287 1.28 -22.34 -5.10
C MET B 287 1.39 -20.82 -5.03
N ARG B 288 1.01 -20.12 -6.09
CA ARG B 288 1.07 -18.65 -6.08
C ARG B 288 0.09 -18.08 -5.05
N MET B 289 -1.09 -18.65 -4.99
CA MET B 289 -2.08 -18.15 -4.04
C MET B 289 -1.72 -18.49 -2.58
N ARG B 290 -1.03 -19.60 -2.35
CA ARG B 290 -0.59 -19.89 -0.99
C ARG B 290 0.50 -18.92 -0.55
N ASN B 291 1.35 -18.54 -1.51
CA ASN B 291 2.41 -17.59 -1.22
C ASN B 291 1.85 -16.23 -0.95
N ALA B 292 0.80 -15.88 -1.68
CA ALA B 292 0.11 -14.60 -1.52
C ALA B 292 -0.60 -14.56 -0.20
N ALA B 293 -1.27 -15.65 0.13
CA ALA B 293 -1.90 -15.74 1.42
C ALA B 293 -0.86 -15.63 2.54
N ALA B 294 0.30 -16.24 2.39
CA ALA B 294 1.32 -16.23 3.45
C ALA B 294 1.88 -14.83 3.72
N THR B 295 1.76 -13.94 2.75
CA THR B 295 2.22 -12.56 2.89
C THR B 295 1.05 -11.58 2.88
N MET B 296 -0.13 -12.04 3.30
CA MET B 296 -1.29 -11.15 3.31
C MET B 296 -1.24 -10.31 4.56
N HIS B 297 -0.44 -9.25 4.51
CA HIS B 297 -0.24 -8.39 5.68
C HIS B 297 -1.25 -7.25 5.81
N GLN B 298 -2.00 -6.96 4.74
CA GLN B 298 -2.91 -5.83 4.75
C GLN B 298 -4.21 -6.28 5.40
N ARG B 299 -4.21 -6.37 6.73
CA ARG B 299 -5.34 -6.96 7.43
CA ARG B 299 -5.33 -6.96 7.43
C ARG B 299 -6.52 -5.99 7.44
N ASP B 300 -6.25 -4.69 7.36
CA ASP B 300 -7.34 -3.73 7.24
C ASP B 300 -8.14 -3.97 5.95
N VAL B 301 -7.41 -4.07 4.85
CA VAL B 301 -8.03 -4.23 3.54
C VAL B 301 -8.76 -5.58 3.47
N LEU B 302 -8.19 -6.59 4.12
CA LEU B 302 -8.79 -7.92 4.10
C LEU B 302 -10.21 -7.88 4.67
N MET B 303 -10.30 -7.28 5.85
CA MET B 303 -11.58 -7.28 6.57
C MET B 303 -12.56 -6.29 5.97
N ALA B 304 -12.05 -5.13 5.53
CA ALA B 304 -12.90 -4.15 4.89
C ALA B 304 -13.52 -4.77 3.66
N THR B 305 -12.71 -5.55 2.95
CA THR B 305 -13.17 -6.22 1.74
C THR B 305 -14.15 -7.32 2.08
N ALA B 306 -13.87 -8.05 3.15
CA ALA B 306 -14.80 -9.13 3.62
C ALA B 306 -16.22 -8.61 3.84
N PHE B 307 -16.28 -7.39 4.35
CA PHE B 307 -17.52 -6.72 4.73
C PHE B 307 -18.10 -5.72 3.74
N ASP B 308 -17.57 -5.68 2.51
CA ASP B 308 -18.25 -4.94 1.41
C ASP B 308 -19.40 -5.92 0.96
N HIS B 309 -20.25 -5.69 -0.05
CA HIS B 309 -20.21 -4.68 -1.10
C HIS B 309 -21.54 -3.96 -1.19
#